data_4H1H
#
_entry.id   4H1H
#
_cell.length_a   169.023
_cell.length_b   169.023
_cell.length_c   169.023
_cell.angle_alpha   90.00
_cell.angle_beta   90.00
_cell.angle_gamma   90.00
#
_symmetry.space_group_name_H-M   'P 41 3 2'
#
loop_
_entity.id
_entity.type
_entity.pdbx_description
1 polymer 'Lmo1638 protein'
2 non-polymer 'SULFATE ION'
3 water water
#
_entity_poly.entity_id   1
_entity_poly.type   'polypeptide(L)'
_entity_poly.pdbx_seq_one_letter_code
;SNA(MSE)IPAKLKQGDEIRIIAPSRSIGI(MSE)ADNQVEIAVNRLTD(MSE)GFKVTFGEHVAE(MSE)DC(MSE)
(MSE)SSSIRSRVADIHEAFNDSSVKAILTVIGGFNSNQLLPYLDYDLISENPKILCGFSDITALATAIYTQTELITYSG
AHFSSFS(MSE)EKGLDYV(MSE)ESFSDCLLQKEPFALKESATWSDDEWYLDQENRNFIPNEGLVV(MSE)QPGVAEGI
IIGGNLCTLNLLQGTEY(MSE)PNLAGTILFIEDDF(MSE)TIPETFDRDLESLLSQPGADEIEG(MSE)VIGRFQQKTA
(MSE)TAEKLAYIIETKTALQKIPVISGADFGHTQPIATFPIGGTARIDTNQTDKIQIIRH
;
_entity_poly.pdbx_strand_id   A,B
#
# COMPACT_ATOMS: atom_id res chain seq x y z
N SER A 1 -29.61 0.09 -16.67
CA SER A 1 -28.28 -0.56 -16.47
C SER A 1 -28.35 -1.89 -15.70
N ASN A 2 -27.17 -2.47 -15.49
CA ASN A 2 -26.95 -3.72 -14.71
C ASN A 2 -26.84 -3.52 -13.19
N ALA A 3 -26.11 -2.49 -12.79
CA ALA A 3 -25.88 -2.18 -11.37
C ALA A 3 -27.23 -1.98 -10.65
N ILE A 5 -29.51 -0.40 -7.90
CA ILE A 5 -29.60 0.70 -7.00
C ILE A 5 -30.46 0.27 -5.85
N PRO A 6 -29.95 0.31 -4.61
CA PRO A 6 -30.81 -0.14 -3.52
C PRO A 6 -31.91 0.89 -3.25
N ALA A 7 -33.00 0.45 -2.63
CA ALA A 7 -34.11 1.36 -2.25
C ALA A 7 -33.56 2.55 -1.46
N LYS A 8 -34.13 3.70 -1.70
CA LYS A 8 -33.74 4.91 -0.96
C LYS A 8 -34.39 4.94 0.45
N LEU A 9 -33.74 5.58 1.41
CA LEU A 9 -34.21 5.62 2.81
C LEU A 9 -35.47 6.48 2.94
N LYS A 10 -36.42 6.00 3.72
CA LYS A 10 -37.58 6.83 4.09
C LYS A 10 -37.87 6.80 5.58
N GLN A 11 -38.72 7.71 6.01
CA GLN A 11 -39.04 7.89 7.45
C GLN A 11 -39.49 6.57 8.06
N GLY A 12 -38.93 6.27 9.21
CA GLY A 12 -39.27 5.06 9.97
C GLY A 12 -38.44 3.86 9.60
N ASP A 13 -37.54 4.03 8.64
CA ASP A 13 -36.67 2.92 8.18
C ASP A 13 -35.65 2.56 9.29
N GLU A 14 -35.49 1.28 9.51
CA GLU A 14 -34.45 0.80 10.39
C GLU A 14 -33.06 0.83 9.72
N ILE A 15 -32.09 1.36 10.45
CA ILE A 15 -30.69 1.42 10.01
C ILE A 15 -29.80 0.59 10.93
N ARG A 16 -29.08 -0.37 10.38
CA ARG A 16 -28.22 -1.22 11.20
C ARG A 16 -26.77 -0.73 11.22
N ILE A 17 -26.18 -0.69 12.40
CA ILE A 17 -24.81 -0.24 12.57
C ILE A 17 -23.91 -1.43 12.81
N ILE A 18 -22.88 -1.59 12.01
CA ILE A 18 -21.96 -2.72 12.14
C ILE A 18 -20.53 -2.19 12.17
N ALA A 19 -19.64 -2.95 12.78
CA ALA A 19 -18.24 -2.55 12.95
C ALA A 19 -17.34 -3.48 12.19
N PRO A 20 -17.32 -3.38 10.88
CA PRO A 20 -16.42 -4.20 10.07
C PRO A 20 -14.96 -3.84 10.14
N SER A 21 -14.57 -2.71 10.72
CA SER A 21 -13.12 -2.45 10.90
C SER A 21 -12.71 -2.36 12.33
N ARG A 22 -12.88 -1.18 12.90
CA ARG A 22 -12.59 -1.00 14.31
C ARG A 22 -13.87 -1.10 15.09
N SER A 23 -13.71 -1.67 16.27
CA SER A 23 -14.80 -1.85 17.20
C SER A 23 -15.35 -0.50 17.69
N ILE A 24 -16.64 -0.46 17.95
CA ILE A 24 -17.29 0.76 18.48
C ILE A 24 -16.76 1.08 19.89
N GLY A 25 -16.00 0.15 20.46
CA GLY A 25 -15.26 0.39 21.72
C GLY A 25 -14.33 1.61 21.64
N ILE A 26 -13.84 1.89 20.46
CA ILE A 26 -12.99 3.06 20.18
C ILE A 26 -13.67 4.42 20.40
N ALA A 28 -16.05 7.15 22.32
CA ALA A 28 -16.53 7.45 23.68
C ALA A 28 -18.03 7.15 23.69
N ASP A 29 -18.55 6.76 24.83
CA ASP A 29 -19.97 6.39 24.96
C ASP A 29 -20.93 7.52 24.60
N ASN A 30 -20.52 8.72 24.91
CA ASN A 30 -21.39 9.85 24.70
C ASN A 30 -21.35 10.33 23.26
N GLN A 31 -20.27 10.00 22.57
CA GLN A 31 -20.19 10.28 21.13
C GLN A 31 -21.16 9.37 20.39
N VAL A 32 -21.24 8.12 20.84
CA VAL A 32 -22.23 7.23 20.28
C VAL A 32 -23.64 7.87 20.36
N GLU A 33 -24.01 8.41 21.52
CA GLU A 33 -25.37 8.97 21.70
C GLU A 33 -25.62 10.15 20.77
N ILE A 34 -24.60 10.96 20.57
CA ILE A 34 -24.69 12.10 19.63
C ILE A 34 -25.12 11.57 18.25
N ALA A 35 -24.42 10.57 17.76
CA ALA A 35 -24.71 9.99 16.42
C ALA A 35 -26.12 9.39 16.42
N VAL A 36 -26.42 8.60 17.44
CA VAL A 36 -27.78 7.97 17.55
C VAL A 36 -28.89 9.02 17.47
N ASN A 37 -28.75 10.08 18.24
CA ASN A 37 -29.76 11.15 18.26
C ASN A 37 -29.89 11.91 16.92
N ARG A 38 -28.76 12.15 16.24
CA ARG A 38 -28.79 12.76 14.88
C ARG A 38 -29.54 11.86 13.89
N LEU A 39 -29.24 10.58 13.88
CA LEU A 39 -29.84 9.68 12.89
C LEU A 39 -31.32 9.48 13.17
N THR A 40 -31.66 9.56 14.44
CA THR A 40 -33.06 9.40 14.89
C THR A 40 -33.86 10.65 14.57
N ASP A 41 -33.26 11.80 14.82
CA ASP A 41 -33.89 13.07 14.48
C ASP A 41 -34.17 13.17 12.98
N GLY A 43 -35.19 10.88 11.13
CA GLY A 43 -36.31 10.00 10.83
C GLY A 43 -36.07 8.50 10.93
N PHE A 44 -34.90 8.10 11.41
CA PHE A 44 -34.51 6.66 11.38
C PHE A 44 -34.47 5.91 12.72
N LYS A 45 -34.69 4.61 12.65
CA LYS A 45 -34.52 3.70 13.78
C LYS A 45 -33.12 3.12 13.76
N VAL A 46 -32.35 3.34 14.82
CA VAL A 46 -30.99 2.82 14.87
C VAL A 46 -30.88 1.55 15.70
N THR A 47 -30.19 0.56 15.13
CA THR A 47 -29.94 -0.71 15.80
C THR A 47 -28.49 -1.16 15.58
N PHE A 48 -27.99 -1.94 16.50
CA PHE A 48 -26.59 -2.33 16.49
C PHE A 48 -26.40 -3.83 16.33
N GLY A 49 -25.40 -4.17 15.55
CA GLY A 49 -25.01 -5.56 15.36
C GLY A 49 -24.58 -6.18 16.68
N GLU A 50 -24.76 -7.49 16.77
CA GLU A 50 -24.48 -8.26 17.99
C GLU A 50 -23.07 -8.02 18.51
N HIS A 51 -22.11 -8.01 17.61
CA HIS A 51 -20.68 -8.01 17.97
C HIS A 51 -19.95 -6.66 17.94
N VAL A 52 -20.63 -5.56 17.63
CA VAL A 52 -19.96 -4.23 17.46
C VAL A 52 -19.05 -3.84 18.65
N ALA A 53 -19.44 -4.24 19.85
CA ALA A 53 -18.75 -3.77 21.07
C ALA A 53 -17.53 -4.60 21.43
N GLU A 54 -17.39 -5.73 20.76
CA GLU A 54 -16.25 -6.66 20.96
C GLU A 54 -14.95 -6.00 20.49
N ASP A 56 -10.42 -6.38 20.32
CA ASP A 56 -9.19 -7.19 20.45
C ASP A 56 -7.96 -6.28 20.45
N CYS A 57 -6.77 -6.89 20.39
CA CYS A 57 -5.55 -6.12 20.55
C CYS A 57 -5.28 -5.16 19.36
N SER A 60 -10.09 -4.14 16.97
CA SER A 60 -11.06 -4.63 16.01
C SER A 60 -11.71 -5.85 16.64
N SER A 61 -12.47 -6.59 15.87
CA SER A 61 -13.02 -7.84 16.38
C SER A 61 -12.51 -8.92 15.44
N SER A 62 -12.96 -10.14 15.68
CA SER A 62 -12.58 -11.30 14.86
C SER A 62 -13.33 -11.30 13.54
N ILE A 63 -12.74 -12.00 12.58
CA ILE A 63 -13.41 -12.23 11.31
C ILE A 63 -14.80 -12.87 11.48
N ARG A 64 -14.83 -14.02 12.17
CA ARG A 64 -16.06 -14.83 12.31
C ARG A 64 -17.23 -13.90 12.65
N SER A 65 -16.92 -13.04 13.59
CA SER A 65 -17.87 -12.10 14.22
C SER A 65 -18.34 -10.96 13.30
N ARG A 66 -17.43 -10.40 12.55
CA ARG A 66 -17.80 -9.34 11.65
C ARG A 66 -18.69 -9.86 10.52
N VAL A 67 -18.33 -11.00 9.98
CA VAL A 67 -19.11 -11.58 8.89
C VAL A 67 -20.54 -11.84 9.38
N ALA A 68 -20.65 -12.41 10.57
CA ALA A 68 -21.98 -12.72 11.15
C ALA A 68 -22.87 -11.47 11.21
N ASP A 69 -22.31 -10.38 11.70
CA ASP A 69 -23.06 -9.12 11.82
C ASP A 69 -23.46 -8.61 10.41
N ILE A 70 -22.60 -8.82 9.45
CA ILE A 70 -22.89 -8.42 8.07
C ILE A 70 -24.02 -9.29 7.51
N HIS A 71 -23.89 -10.57 7.71
CA HIS A 71 -24.91 -11.50 7.22
C HIS A 71 -26.26 -11.25 7.86
N GLU A 72 -26.26 -10.91 9.14
CA GLU A 72 -27.53 -10.65 9.82
C GLU A 72 -28.15 -9.38 9.26
N ALA A 73 -27.31 -8.42 8.93
CA ALA A 73 -27.83 -7.13 8.48
C ALA A 73 -28.50 -7.31 7.12
N PHE A 74 -27.83 -8.02 6.22
CA PHE A 74 -28.39 -8.21 4.89
C PHE A 74 -29.62 -9.09 4.94
N ASN A 75 -29.55 -10.10 5.78
CA ASN A 75 -30.62 -11.10 5.95
C ASN A 75 -31.92 -10.52 6.53
N ASP A 76 -31.80 -9.56 7.44
CA ASP A 76 -32.96 -8.96 8.12
C ASP A 76 -33.67 -7.97 7.19
N SER A 77 -34.87 -8.31 6.78
CA SER A 77 -35.56 -7.56 5.73
C SER A 77 -36.03 -6.18 6.21
N SER A 78 -36.24 -6.04 7.50
CA SER A 78 -36.57 -4.73 8.12
C SER A 78 -35.43 -3.69 8.00
N VAL A 79 -34.21 -4.17 7.80
CA VAL A 79 -33.03 -3.30 7.72
C VAL A 79 -32.98 -2.69 6.35
N LYS A 80 -33.26 -1.40 6.25
CA LYS A 80 -33.17 -0.69 4.98
C LYS A 80 -31.80 -0.10 4.65
N ALA A 81 -30.95 0.03 5.65
CA ALA A 81 -29.59 0.51 5.42
C ALA A 81 -28.62 0.03 6.49
N ILE A 82 -27.39 -0.17 6.05
CA ILE A 82 -26.27 -0.54 6.93
C ILE A 82 -25.23 0.61 6.96
N LEU A 83 -24.92 1.10 8.16
CA LEU A 83 -23.81 2.07 8.34
C LEU A 83 -22.69 1.47 9.16
N THR A 84 -21.47 1.70 8.73
CA THR A 84 -20.34 1.19 9.49
C THR A 84 -19.98 2.16 10.61
N VAL A 85 -19.48 1.61 11.71
CA VAL A 85 -19.24 2.41 12.94
C VAL A 85 -18.18 3.46 12.67
N ILE A 86 -17.12 3.03 12.01
CA ILE A 86 -15.88 3.81 11.87
C ILE A 86 -14.94 3.00 11.01
N GLY A 87 -13.96 3.66 10.43
CA GLY A 87 -12.96 3.00 9.57
C GLY A 87 -11.93 2.27 10.41
N GLY A 88 -10.77 2.01 9.83
CA GLY A 88 -9.77 1.10 10.40
C GLY A 88 -8.77 0.62 9.35
N PHE A 89 -8.21 -0.59 9.53
CA PHE A 89 -7.33 -1.14 8.49
C PHE A 89 -7.71 -2.49 7.91
N ASN A 90 -8.65 -3.13 8.55
CA ASN A 90 -8.77 -4.59 8.39
C ASN A 90 -10.03 -5.16 7.73
N SER A 91 -10.88 -4.33 7.12
CA SER A 91 -12.10 -4.88 6.52
C SER A 91 -11.79 -5.85 5.38
N ASN A 92 -10.60 -5.73 4.80
CA ASN A 92 -10.22 -6.63 3.68
C ASN A 92 -10.08 -8.12 4.11
N GLN A 93 -9.82 -8.36 5.39
CA GLN A 93 -9.79 -9.73 5.95
C GLN A 93 -11.08 -10.50 5.64
N LEU A 94 -12.19 -9.77 5.53
CA LEU A 94 -13.52 -10.41 5.44
C LEU A 94 -13.89 -10.89 4.04
N LEU A 95 -13.25 -10.32 3.04
CA LEU A 95 -13.70 -10.46 1.63
C LEU A 95 -13.96 -11.92 1.19
N PRO A 96 -13.06 -12.88 1.53
CA PRO A 96 -13.25 -14.28 1.13
C PRO A 96 -14.46 -14.95 1.79
N TYR A 97 -14.83 -14.49 2.97
CA TYR A 97 -15.80 -15.18 3.83
C TYR A 97 -17.24 -14.72 3.71
N LEU A 98 -17.48 -13.74 2.86
CA LEU A 98 -18.85 -13.21 2.69
C LEU A 98 -19.71 -14.07 1.72
N ASP A 99 -20.99 -14.18 2.04
CA ASP A 99 -21.91 -14.83 1.15
C ASP A 99 -22.46 -13.78 0.21
N TYR A 100 -21.90 -13.73 -0.98
CA TYR A 100 -22.28 -12.73 -1.97
C TYR A 100 -23.64 -13.04 -2.59
N ASP A 101 -23.97 -14.32 -2.68
CA ASP A 101 -25.32 -14.70 -3.09
C ASP A 101 -26.38 -14.10 -2.15
N LEU A 102 -26.10 -14.20 -0.87
CA LEU A 102 -27.02 -13.65 0.13
C LEU A 102 -27.18 -12.15 -0.12
N ILE A 103 -26.06 -11.49 -0.28
CA ILE A 103 -26.05 -10.05 -0.41
C ILE A 103 -26.76 -9.65 -1.68
N SER A 104 -26.44 -10.36 -2.75
CA SER A 104 -26.98 -10.04 -4.09
C SER A 104 -28.50 -10.17 -4.09
N GLU A 105 -29.01 -11.05 -3.24
CA GLU A 105 -30.46 -11.26 -3.11
C GLU A 105 -31.20 -10.28 -2.19
N ASN A 106 -30.43 -9.54 -1.38
CA ASN A 106 -31.00 -8.64 -0.41
C ASN A 106 -30.44 -7.23 -0.58
N PRO A 107 -30.60 -6.62 -1.77
CA PRO A 107 -29.95 -5.33 -1.96
C PRO A 107 -30.48 -4.25 -1.00
N LYS A 108 -29.56 -3.52 -0.39
CA LYS A 108 -29.92 -2.42 0.50
C LYS A 108 -28.73 -1.48 0.60
N ILE A 109 -28.94 -0.29 1.10
CA ILE A 109 -27.84 0.68 1.26
C ILE A 109 -26.73 0.16 2.21
N LEU A 110 -25.49 0.33 1.78
CA LEU A 110 -24.32 0.12 2.64
C LEU A 110 -23.40 1.30 2.47
N CYS A 111 -23.07 1.94 3.60
CA CYS A 111 -22.36 3.22 3.59
C CYS A 111 -21.27 3.39 4.66
N GLY A 112 -20.12 3.91 4.21
CA GLY A 112 -18.99 4.26 5.07
C GLY A 112 -17.81 4.68 4.21
N PHE A 113 -16.67 5.06 4.79
CA PHE A 113 -15.52 5.39 3.94
C PHE A 113 -14.16 4.91 4.47
N SER A 114 -13.11 5.40 3.82
CA SER A 114 -11.70 5.01 4.09
C SER A 114 -11.64 3.50 3.94
N ASP A 115 -11.34 2.80 5.02
CA ASP A 115 -11.08 1.36 4.95
C ASP A 115 -12.30 0.61 4.44
N ILE A 116 -13.46 1.16 4.65
CA ILE A 116 -14.68 0.54 4.17
C ILE A 116 -14.66 0.44 2.64
N THR A 117 -13.80 1.23 1.98
CA THR A 117 -13.63 1.14 0.51
C THR A 117 -13.51 -0.34 0.07
N ALA A 118 -12.63 -1.08 0.76
CA ALA A 118 -12.41 -2.49 0.46
C ALA A 118 -13.76 -3.25 0.45
N LEU A 119 -14.48 -3.12 1.54
CA LEU A 119 -15.73 -3.85 1.68
C LEU A 119 -16.80 -3.40 0.62
N ALA A 120 -16.95 -2.10 0.43
CA ALA A 120 -18.03 -1.60 -0.45
C ALA A 120 -17.71 -1.93 -1.89
N THR A 121 -16.43 -2.00 -2.18
CA THR A 121 -16.01 -2.29 -3.55
C THR A 121 -16.20 -3.77 -3.85
N ALA A 122 -15.76 -4.60 -2.94
CA ALA A 122 -15.84 -6.06 -3.17
C ALA A 122 -17.30 -6.42 -3.38
N ILE A 123 -18.17 -5.73 -2.66
CA ILE A 123 -19.60 -6.03 -2.75
C ILE A 123 -20.11 -5.62 -4.12
N TYR A 124 -19.74 -4.41 -4.52
CA TYR A 124 -20.03 -3.94 -5.86
C TYR A 124 -19.57 -4.91 -6.93
N THR A 125 -18.29 -5.28 -6.91
CA THR A 125 -17.76 -6.16 -7.97
C THR A 125 -18.32 -7.58 -7.91
N GLN A 126 -18.60 -8.11 -6.73
CA GLN A 126 -19.10 -9.49 -6.67
C GLN A 126 -20.60 -9.57 -6.94
N THR A 127 -21.36 -8.62 -6.45
CA THR A 127 -22.80 -8.69 -6.63
C THR A 127 -23.43 -7.70 -7.61
N GLU A 128 -22.66 -6.71 -7.99
CA GLU A 128 -23.25 -5.58 -8.72
C GLU A 128 -24.24 -4.64 -7.96
N LEU A 129 -24.43 -4.89 -6.67
CA LEU A 129 -25.06 -3.90 -5.78
C LEU A 129 -24.24 -2.59 -5.73
N ILE A 130 -24.87 -1.48 -6.08
CA ILE A 130 -24.22 -0.19 -5.87
C ILE A 130 -24.18 0.10 -4.37
N THR A 131 -22.98 0.40 -3.90
CA THR A 131 -22.70 0.73 -2.51
C THR A 131 -22.18 2.17 -2.45
N TYR A 132 -21.75 2.59 -1.28
CA TYR A 132 -21.55 4.03 -1.03
C TYR A 132 -20.29 4.33 -0.22
N SER A 133 -19.63 5.39 -0.62
CA SER A 133 -18.48 5.97 0.07
C SER A 133 -19.00 7.27 0.64
N GLY A 134 -19.09 7.36 1.96
CA GLY A 134 -19.87 8.43 2.57
C GLY A 134 -19.85 8.24 4.07
N ALA A 135 -20.74 8.91 4.77
CA ALA A 135 -20.62 9.02 6.23
C ALA A 135 -20.57 7.66 6.90
N HIS A 136 -19.71 7.51 7.90
CA HIS A 136 -19.89 6.45 8.90
C HIS A 136 -21.00 6.82 9.91
N PHE A 137 -21.33 5.86 10.76
CA PHE A 137 -22.15 6.15 11.92
C PHE A 137 -21.46 7.21 12.79
N SER A 138 -20.18 7.03 13.03
CA SER A 138 -19.44 7.97 13.88
C SER A 138 -19.40 9.38 13.25
N SER A 139 -19.41 9.43 11.93
CA SER A 139 -19.44 10.74 11.25
C SER A 139 -20.57 11.62 11.80
N PHE A 140 -21.65 11.02 12.28
CA PHE A 140 -22.76 11.83 12.76
C PHE A 140 -22.55 12.30 14.21
N SER A 141 -21.40 12.00 14.80
CA SER A 141 -21.14 12.42 16.17
C SER A 141 -20.36 13.75 16.21
N GLU A 143 -19.81 17.46 16.19
CA GLU A 143 -20.72 18.51 16.70
C GLU A 143 -20.93 19.61 15.71
N LYS A 144 -19.82 20.16 15.25
CA LYS A 144 -19.84 21.35 14.37
C LYS A 144 -19.61 21.05 12.88
N GLY A 145 -20.27 21.80 12.03
CA GLY A 145 -20.06 21.71 10.56
C GLY A 145 -20.66 20.48 9.91
N LEU A 146 -21.64 19.89 10.57
CA LEU A 146 -22.29 18.69 10.09
C LEU A 146 -23.30 18.90 8.93
N ASP A 147 -23.77 20.11 8.74
CA ASP A 147 -24.75 20.43 7.67
C ASP A 147 -24.47 19.82 6.28
N TYR A 148 -23.25 20.04 5.78
CA TYR A 148 -22.86 19.61 4.45
C TYR A 148 -22.97 18.09 4.37
N VAL A 149 -22.59 17.47 5.47
CA VAL A 149 -22.49 16.02 5.53
C VAL A 149 -23.86 15.41 5.42
N GLU A 151 -26.74 17.12 4.36
CA GLU A 151 -27.31 17.50 3.07
C GLU A 151 -26.91 16.48 2.03
N SER A 152 -25.63 16.13 2.06
CA SER A 152 -25.08 15.31 0.99
C SER A 152 -25.50 13.85 1.18
N PHE A 153 -25.53 13.44 2.43
CA PHE A 153 -26.08 12.12 2.80
C PHE A 153 -27.49 12.02 2.26
N SER A 154 -28.27 13.08 2.47
CA SER A 154 -29.64 13.09 1.98
C SER A 154 -29.71 13.11 0.46
N ASP A 155 -28.94 13.98 -0.18
CA ASP A 155 -28.97 14.08 -1.65
C ASP A 155 -28.78 12.70 -2.21
N CYS A 156 -27.85 12.00 -1.60
CA CYS A 156 -27.46 10.73 -2.16
C CYS A 156 -28.40 9.58 -1.81
N LEU A 157 -28.82 9.48 -0.57
CA LEU A 157 -29.63 8.33 -0.12
C LEU A 157 -31.08 8.56 0.25
N LEU A 158 -31.52 9.81 0.32
CA LEU A 158 -32.96 10.07 0.61
C LEU A 158 -33.84 10.45 -0.59
N GLN A 159 -33.24 10.63 -1.75
CA GLN A 159 -33.98 11.03 -2.96
C GLN A 159 -33.25 10.47 -4.19
N LYS A 160 -34.00 10.33 -5.28
CA LYS A 160 -33.53 9.76 -6.56
C LYS A 160 -32.83 10.71 -7.55
N GLU A 161 -33.24 11.96 -7.59
CA GLU A 161 -32.77 12.86 -8.67
C GLU A 161 -31.25 13.00 -8.71
N PRO A 162 -30.69 13.26 -9.89
CA PRO A 162 -29.26 13.55 -9.95
C PRO A 162 -28.91 14.83 -9.20
N PHE A 163 -27.71 14.91 -8.69
CA PHE A 163 -27.35 16.07 -7.86
C PHE A 163 -25.92 16.51 -8.02
N ALA A 164 -25.70 17.80 -7.83
CA ALA A 164 -24.36 18.34 -7.97
C ALA A 164 -23.59 17.98 -6.70
N LEU A 165 -22.35 17.58 -6.85
CA LEU A 165 -21.47 17.50 -5.68
C LEU A 165 -20.81 18.89 -5.51
N LYS A 166 -21.33 19.66 -4.59
CA LYS A 166 -21.16 21.10 -4.55
C LYS A 166 -20.00 21.40 -3.61
N GLU A 167 -19.25 22.46 -3.86
CA GLU A 167 -18.16 22.81 -2.92
C GLU A 167 -18.76 23.35 -1.61
N SER A 168 -18.24 22.91 -0.48
CA SER A 168 -18.58 23.52 0.81
C SER A 168 -18.01 24.92 0.88
N ALA A 169 -18.57 25.74 1.74
CA ALA A 169 -18.09 27.13 1.93
C ALA A 169 -16.80 27.14 2.75
N THR A 170 -16.71 26.19 3.67
CA THR A 170 -15.60 26.14 4.61
C THR A 170 -15.31 24.67 4.89
N TRP A 171 -14.05 24.38 5.06
CA TRP A 171 -13.60 23.05 5.37
C TRP A 171 -12.63 23.17 6.52
N SER A 172 -12.32 22.05 7.13
CA SER A 172 -11.36 22.02 8.23
C SER A 172 -10.55 20.74 8.12
N ASP A 173 -9.38 20.74 8.72
CA ASP A 173 -8.69 19.48 8.98
C ASP A 173 -8.48 19.26 10.47
N ASP A 174 -9.44 18.71 11.18
CA ASP A 174 -9.35 18.73 12.65
C ASP A 174 -9.50 17.35 13.19
N GLU A 175 -8.90 17.11 14.33
CA GLU A 175 -9.26 15.93 15.10
C GLU A 175 -10.40 16.38 15.96
N TRP A 176 -11.61 16.16 15.50
CA TRP A 176 -12.79 16.76 16.16
C TRP A 176 -13.34 15.76 17.16
N TYR A 177 -12.86 14.52 17.04
CA TYR A 177 -13.24 13.46 17.99
C TYR A 177 -12.55 13.64 19.36
N LEU A 178 -11.38 14.25 19.34
CA LEU A 178 -10.67 14.65 20.57
C LEU A 178 -11.16 15.99 21.07
N ASP A 179 -11.27 16.95 20.18
CA ASP A 179 -11.75 18.27 20.57
C ASP A 179 -12.80 18.83 19.61
N GLN A 180 -14.01 18.87 20.11
CA GLN A 180 -15.20 19.31 19.35
C GLN A 180 -15.36 20.82 19.32
N GLU A 181 -14.89 21.46 20.38
CA GLU A 181 -15.07 22.92 20.59
C GLU A 181 -14.10 23.76 19.74
N ASN A 182 -12.80 23.43 19.76
CA ASN A 182 -11.85 24.26 19.03
C ASN A 182 -11.63 23.76 17.61
N ARG A 183 -12.38 24.32 16.70
CA ARG A 183 -12.36 23.88 15.31
C ARG A 183 -11.70 25.01 14.55
N ASN A 184 -11.04 24.66 13.46
CA ASN A 184 -10.42 25.66 12.59
C ASN A 184 -11.01 25.54 11.19
N PHE A 185 -11.92 26.45 10.89
CA PHE A 185 -12.65 26.45 9.63
C PHE A 185 -12.01 27.41 8.65
N ILE A 186 -11.66 26.84 7.50
CA ILE A 186 -10.89 27.52 6.47
C ILE A 186 -11.82 27.83 5.27
N PRO A 187 -11.88 29.09 4.80
CA PRO A 187 -12.66 29.40 3.61
C PRO A 187 -12.20 28.52 2.47
N ASN A 188 -13.15 27.95 1.75
CA ASN A 188 -12.87 26.97 0.71
C ASN A 188 -12.56 27.69 -0.61
N GLU A 189 -11.37 27.45 -1.14
CA GLU A 189 -10.94 28.05 -2.40
C GLU A 189 -11.54 27.37 -3.63
N GLY A 190 -12.10 26.20 -3.45
CA GLY A 190 -12.85 25.56 -4.51
C GLY A 190 -12.06 24.47 -5.23
N LEU A 191 -12.74 23.81 -6.14
CA LEU A 191 -12.15 22.78 -6.96
C LEU A 191 -11.09 23.44 -7.81
N VAL A 192 -9.94 22.78 -7.90
CA VAL A 192 -8.92 23.21 -8.83
C VAL A 192 -8.95 22.30 -10.03
N VAL A 193 -8.97 22.89 -11.21
CA VAL A 193 -8.92 22.11 -12.44
C VAL A 193 -7.46 21.84 -12.81
N GLN A 195 -6.48 19.30 -15.11
CA GLN A 195 -6.51 19.15 -16.56
C GLN A 195 -7.95 19.32 -16.96
N PRO A 196 -8.19 20.07 -18.04
CA PRO A 196 -9.53 20.41 -18.48
C PRO A 196 -10.21 19.25 -19.19
N GLY A 197 -11.54 19.27 -19.20
CA GLY A 197 -12.28 18.36 -20.06
C GLY A 197 -13.65 17.99 -19.55
N VAL A 198 -14.35 17.18 -20.35
CA VAL A 198 -15.71 16.72 -20.07
C VAL A 198 -15.66 15.24 -20.19
N ALA A 199 -16.25 14.54 -19.26
CA ALA A 199 -16.28 13.06 -19.35
C ALA A 199 -17.38 12.53 -18.46
N GLU A 200 -17.78 11.30 -18.69
CA GLU A 200 -18.70 10.67 -17.76
C GLU A 200 -18.24 9.25 -17.55
N GLY A 201 -18.64 8.61 -16.47
CA GLY A 201 -18.17 7.24 -16.24
C GLY A 201 -18.70 6.64 -14.97
N ILE A 202 -18.43 5.35 -14.80
CA ILE A 202 -18.76 4.62 -13.57
C ILE A 202 -17.90 5.18 -12.43
N ILE A 203 -18.48 5.39 -11.25
CA ILE A 203 -17.69 5.91 -10.15
C ILE A 203 -16.95 4.79 -9.43
N ILE A 204 -15.63 4.90 -9.35
CA ILE A 204 -14.82 3.95 -8.55
C ILE A 204 -13.89 4.78 -7.68
N GLY A 205 -13.68 4.37 -6.44
CA GLY A 205 -12.87 5.21 -5.56
C GLY A 205 -13.08 5.05 -4.06
N GLY A 206 -12.87 6.14 -3.35
CA GLY A 206 -12.59 6.05 -1.93
C GLY A 206 -11.09 6.15 -1.66
N ASN A 207 -10.66 5.45 -0.63
CA ASN A 207 -9.29 5.57 -0.16
C ASN A 207 -8.30 4.85 -1.07
N LEU A 208 -7.37 5.61 -1.63
CA LEU A 208 -6.39 5.08 -2.57
C LEU A 208 -5.65 3.81 -2.07
N CYS A 209 -4.92 3.93 -0.97
CA CYS A 209 -4.09 2.79 -0.55
C CYS A 209 -4.96 1.60 -0.09
N THR A 210 -6.19 1.87 0.34
CA THR A 210 -7.12 0.76 0.60
C THR A 210 -7.57 0.06 -0.67
N LEU A 211 -7.91 0.84 -1.68
CA LEU A 211 -8.29 0.26 -2.97
C LEU A 211 -7.12 -0.56 -3.56
N ASN A 212 -5.89 -0.16 -3.33
CA ASN A 212 -4.74 -0.97 -3.82
C ASN A 212 -4.75 -2.40 -3.24
N LEU A 213 -5.42 -2.57 -2.10
CA LEU A 213 -5.40 -3.85 -1.39
C LEU A 213 -6.17 -4.92 -2.13
N LEU A 214 -7.02 -4.47 -3.04
CA LEU A 214 -7.89 -5.35 -3.84
C LEU A 214 -7.17 -5.86 -5.07
N GLN A 215 -6.04 -5.23 -5.36
CA GLN A 215 -5.26 -5.58 -6.56
C GLN A 215 -4.75 -7.02 -6.59
N GLY A 216 -5.04 -7.67 -7.70
CA GLY A 216 -4.61 -9.04 -7.92
C GLY A 216 -5.68 -10.05 -7.50
N THR A 217 -6.78 -9.53 -6.96
CA THR A 217 -7.80 -10.40 -6.40
C THR A 217 -9.04 -10.36 -7.29
N GLU A 218 -10.02 -11.20 -7.02
CA GLU A 218 -11.23 -11.23 -7.84
C GLU A 218 -12.15 -10.06 -7.48
N TYR A 219 -11.78 -9.34 -6.43
CA TYR A 219 -12.60 -8.22 -6.00
C TYR A 219 -12.26 -6.87 -6.67
N PRO A 221 -12.24 -4.03 -9.13
CA PRO A 221 -13.10 -3.55 -10.21
C PRO A 221 -12.26 -3.18 -11.42
N ASN A 222 -12.76 -3.43 -12.63
CA ASN A 222 -12.07 -3.01 -13.85
C ASN A 222 -12.11 -1.45 -13.95
N LEU A 223 -11.06 -0.81 -14.45
CA LEU A 223 -11.01 0.64 -14.40
C LEU A 223 -11.44 1.38 -15.67
N ALA A 224 -11.82 0.64 -16.71
CA ALA A 224 -12.14 1.28 -18.00
C ALA A 224 -13.53 1.91 -17.92
N GLY A 225 -13.66 3.15 -18.36
CA GLY A 225 -14.95 3.81 -18.33
C GLY A 225 -15.32 4.33 -16.95
N THR A 226 -14.31 4.55 -16.12
CA THR A 226 -14.56 5.09 -14.78
C THR A 226 -14.12 6.56 -14.62
N ILE A 227 -14.84 7.25 -13.73
CA ILE A 227 -14.33 8.47 -13.10
C ILE A 227 -13.78 7.98 -11.77
N LEU A 228 -12.48 8.17 -11.55
CA LEU A 228 -11.89 7.77 -10.27
C LEU A 228 -12.09 8.88 -9.24
N PHE A 229 -12.62 8.50 -8.09
CA PHE A 229 -12.75 9.44 -6.98
C PHE A 229 -11.67 8.96 -6.02
N ILE A 230 -10.60 9.70 -5.82
CA ILE A 230 -9.57 9.20 -4.93
C ILE A 230 -9.13 10.21 -3.92
N GLU A 231 -8.60 9.65 -2.86
CA GLU A 231 -8.46 10.31 -1.61
C GLU A 231 -7.38 9.56 -0.80
N ASP A 232 -6.65 10.25 0.05
CA ASP A 232 -5.89 9.56 1.06
C ASP A 232 -5.50 10.42 2.29
N ASP A 233 -5.18 9.74 3.39
CA ASP A 233 -5.10 10.40 4.69
C ASP A 233 -3.71 10.83 5.08
N PHE A 234 -3.59 11.32 6.30
CA PHE A 234 -2.36 11.98 6.82
C PHE A 234 -1.15 11.05 6.78
N THR A 236 -0.24 9.30 4.41
CA THR A 236 0.36 9.42 3.04
C THR A 236 1.28 10.64 2.94
N ILE A 237 2.35 10.49 2.19
CA ILE A 237 3.14 11.66 1.78
C ILE A 237 3.06 11.70 0.24
N PRO A 238 3.44 12.83 -0.36
CA PRO A 238 3.24 12.92 -1.79
C PRO A 238 3.87 11.78 -2.55
N GLU A 239 5.02 11.27 -2.09
CA GLU A 239 5.74 10.23 -2.85
C GLU A 239 5.06 8.87 -2.76
N THR A 240 4.40 8.63 -1.63
CA THR A 240 3.66 7.39 -1.45
C THR A 240 2.32 7.50 -2.19
N PHE A 241 1.70 8.67 -2.12
CA PHE A 241 0.51 8.90 -2.95
C PHE A 241 0.82 8.53 -4.41
N ASP A 242 1.96 8.99 -4.88
CA ASP A 242 2.40 8.75 -6.24
C ASP A 242 2.65 7.28 -6.60
N ARG A 243 3.33 6.52 -5.74
CA ARG A 243 3.47 5.09 -6.00
C ARG A 243 2.15 4.36 -5.99
N ASP A 244 1.29 4.69 -5.04
CA ASP A 244 -0.02 4.06 -4.94
C ASP A 244 -0.86 4.35 -6.19
N LEU A 245 -0.80 5.59 -6.67
CA LEU A 245 -1.55 5.98 -7.87
C LEU A 245 -0.99 5.26 -9.09
N GLU A 246 0.32 5.29 -9.21
CA GLU A 246 1.02 4.61 -10.32
C GLU A 246 0.60 3.15 -10.32
N SER A 247 0.71 2.51 -9.19
CA SER A 247 0.28 1.13 -9.08
C SER A 247 -1.19 0.90 -9.48
N LEU A 248 -2.07 1.76 -8.98
CA LEU A 248 -3.50 1.69 -9.33
C LEU A 248 -3.74 1.79 -10.87
N LEU A 249 -2.93 2.62 -11.51
CA LEU A 249 -3.07 2.96 -12.94
C LEU A 249 -2.32 1.94 -13.77
N SER A 250 -1.83 0.90 -13.11
CA SER A 250 -1.29 -0.28 -13.82
C SER A 250 -2.26 -1.45 -13.83
N GLN A 251 -3.41 -1.27 -13.18
CA GLN A 251 -4.46 -2.29 -13.16
C GLN A 251 -5.24 -2.40 -14.47
N PRO A 252 -5.85 -3.56 -14.68
CA PRO A 252 -6.65 -3.77 -15.87
C PRO A 252 -7.69 -2.70 -16.09
N GLY A 253 -7.68 -2.13 -17.28
CA GLY A 253 -8.63 -1.08 -17.65
C GLY A 253 -8.08 0.32 -17.47
N ALA A 254 -6.96 0.43 -16.77
CA ALA A 254 -6.35 1.74 -16.48
C ALA A 254 -6.23 2.69 -17.70
N ASP A 255 -5.98 2.12 -18.87
CA ASP A 255 -5.87 2.93 -20.10
C ASP A 255 -7.14 3.64 -20.59
N GLU A 256 -8.28 3.12 -20.17
CA GLU A 256 -9.59 3.72 -20.48
C GLU A 256 -10.24 4.51 -19.35
N ILE A 257 -9.49 4.89 -18.34
CA ILE A 257 -10.00 5.84 -17.32
C ILE A 257 -10.57 7.12 -17.96
N GLU A 258 -11.79 7.47 -17.61
CA GLU A 258 -12.47 8.66 -18.20
C GLU A 258 -12.12 10.02 -17.55
N GLY A 259 -12.00 10.05 -16.23
CA GLY A 259 -11.63 11.29 -15.54
C GLY A 259 -11.18 11.02 -14.11
N VAL A 261 -11.19 12.81 -9.97
CA VAL A 261 -11.55 13.83 -8.99
C VAL A 261 -10.85 13.41 -7.72
N ILE A 262 -10.13 14.33 -7.12
CA ILE A 262 -9.29 14.06 -5.95
C ILE A 262 -9.77 14.83 -4.71
N GLY A 263 -9.88 14.12 -3.59
CA GLY A 263 -10.31 14.72 -2.35
C GLY A 263 -9.19 15.58 -1.82
N ARG A 264 -9.57 16.63 -1.10
CA ARG A 264 -8.62 17.42 -0.31
C ARG A 264 -7.72 16.54 0.55
N PHE A 265 -6.42 16.78 0.50
CA PHE A 265 -5.42 16.11 1.37
C PHE A 265 -5.39 16.71 2.75
N GLN A 266 -5.13 15.87 3.76
CA GLN A 266 -4.91 16.46 5.09
C GLN A 266 -3.64 17.30 5.03
N GLN A 267 -3.61 18.34 5.85
CA GLN A 267 -2.50 19.31 5.93
C GLN A 267 -1.16 18.65 6.19
N LYS A 268 -1.13 17.58 6.99
CA LYS A 268 0.13 16.90 7.29
C LYS A 268 0.80 16.39 6.00
N THR A 269 0.01 15.90 5.05
CA THR A 269 0.59 15.35 3.82
C THR A 269 1.40 16.43 3.03
N ALA A 270 1.06 17.68 3.21
CA ALA A 270 1.86 18.79 2.64
C ALA A 270 1.93 18.68 1.12
N THR A 272 1.61 20.14 -2.18
CA THR A 272 1.58 21.41 -2.92
C THR A 272 1.02 21.13 -4.31
N ALA A 273 0.49 22.18 -4.91
CA ALA A 273 -0.04 22.17 -6.28
C ALA A 273 1.05 21.71 -7.24
N GLU A 274 2.25 22.21 -7.00
CA GLU A 274 3.41 21.86 -7.86
C GLU A 274 3.65 20.34 -7.91
N LYS A 275 3.66 19.73 -6.74
CA LYS A 275 3.88 18.28 -6.66
C LYS A 275 2.72 17.51 -7.26
N LEU A 276 1.51 17.88 -6.88
CA LEU A 276 0.32 17.23 -7.44
C LEU A 276 0.40 17.28 -8.97
N ALA A 277 0.80 18.43 -9.47
CA ALA A 277 0.82 18.64 -10.91
C ALA A 277 1.78 17.63 -11.53
N TYR A 278 2.96 17.53 -10.91
CA TYR A 278 4.05 16.66 -11.37
C TYR A 278 3.66 15.18 -11.28
N ILE A 279 2.88 14.84 -10.27
CA ILE A 279 2.43 13.47 -10.11
C ILE A 279 1.44 13.11 -11.23
N ILE A 280 0.44 13.96 -11.46
CA ILE A 280 -0.53 13.74 -12.54
C ILE A 280 0.21 13.68 -13.87
N GLU A 281 1.03 14.66 -14.07
CA GLU A 281 1.65 14.87 -15.36
C GLU A 281 2.47 13.65 -15.82
N THR A 282 3.14 12.95 -14.90
CA THR A 282 3.97 11.77 -15.23
C THR A 282 3.20 10.45 -15.30
N LYS A 283 1.89 10.49 -15.11
CA LYS A 283 1.06 9.27 -15.22
C LYS A 283 0.49 9.14 -16.64
N THR A 284 0.91 8.12 -17.36
CA THR A 284 0.39 7.89 -18.72
C THR A 284 -1.14 7.80 -18.86
N ALA A 285 -1.75 7.08 -17.96
CA ALA A 285 -3.19 6.83 -18.01
C ALA A 285 -4.04 8.10 -17.86
N LEU A 286 -3.45 9.15 -17.34
CA LEU A 286 -4.17 10.40 -17.07
C LEU A 286 -4.04 11.46 -18.19
N GLN A 287 -3.30 11.15 -19.22
CA GLN A 287 -3.11 12.07 -20.34
C GLN A 287 -4.44 12.51 -20.93
N LYS A 288 -4.59 13.82 -21.06
CA LYS A 288 -5.73 14.46 -21.75
C LYS A 288 -7.11 14.00 -21.25
N ILE A 289 -7.21 13.65 -19.98
CA ILE A 289 -8.54 13.47 -19.34
C ILE A 289 -8.74 14.55 -18.28
N PRO A 290 -9.99 14.92 -18.02
CA PRO A 290 -10.24 15.90 -16.95
C PRO A 290 -9.76 15.40 -15.56
N VAL A 291 -9.07 16.26 -14.82
CA VAL A 291 -8.64 15.90 -13.48
C VAL A 291 -8.90 17.09 -12.60
N ILE A 292 -9.71 16.89 -11.56
CA ILE A 292 -10.03 17.97 -10.57
C ILE A 292 -9.54 17.60 -9.16
N SER A 293 -9.04 18.56 -8.43
CA SER A 293 -8.72 18.32 -7.01
C SER A 293 -9.43 19.28 -6.04
N GLY A 294 -9.26 19.02 -4.77
CA GLY A 294 -9.86 19.88 -3.76
C GLY A 294 -11.31 19.60 -3.47
N ALA A 295 -11.78 18.43 -3.86
CA ALA A 295 -13.19 18.04 -3.68
C ALA A 295 -13.47 17.76 -2.22
N ASP A 296 -14.73 17.83 -1.81
CA ASP A 296 -15.07 17.46 -0.46
C ASP A 296 -15.32 15.95 -0.26
N PHE A 297 -14.26 15.21 -0.04
CA PHE A 297 -14.36 13.83 0.39
C PHE A 297 -12.94 13.43 0.73
N GLY A 298 -12.80 12.30 1.40
CA GLY A 298 -11.55 11.99 2.08
C GLY A 298 -11.55 12.34 3.54
N HIS A 299 -10.37 12.67 4.02
CA HIS A 299 -10.11 12.67 5.49
C HIS A 299 -10.16 14.04 6.16
N THR A 300 -10.59 15.06 5.42
CA THR A 300 -10.84 16.40 6.01
C THR A 300 -12.35 16.56 6.19
N GLN A 301 -12.79 17.63 6.77
CA GLN A 301 -14.26 17.87 6.88
C GLN A 301 -14.70 19.10 6.07
N PRO A 302 -15.92 19.08 5.48
CA PRO A 302 -16.84 17.95 5.51
C PRO A 302 -16.67 17.00 4.33
N ILE A 303 -17.35 15.87 4.44
CA ILE A 303 -17.36 14.82 3.40
C ILE A 303 -18.72 14.67 2.73
N ALA A 304 -18.70 14.48 1.42
CA ALA A 304 -19.92 14.13 0.70
C ALA A 304 -20.14 12.61 0.70
N THR A 305 -21.29 12.20 0.21
CA THR A 305 -21.57 10.77 0.04
C THR A 305 -21.86 10.50 -1.42
N PHE A 306 -21.14 9.56 -1.99
CA PHE A 306 -21.25 9.23 -3.43
C PHE A 306 -21.29 7.70 -3.66
N PRO A 307 -22.02 7.26 -4.73
CA PRO A 307 -22.16 5.82 -4.95
C PRO A 307 -20.92 5.21 -5.55
N ILE A 308 -20.61 3.98 -5.16
CA ILE A 308 -19.63 3.16 -5.87
C ILE A 308 -20.39 2.29 -6.85
N GLY A 309 -20.13 2.51 -8.13
CA GLY A 309 -20.90 1.87 -9.20
C GLY A 309 -22.05 2.73 -9.74
N GLY A 310 -22.26 3.88 -9.15
CA GLY A 310 -23.19 4.88 -9.73
C GLY A 310 -22.43 5.58 -10.85
N THR A 311 -22.96 6.69 -11.32
CA THR A 311 -22.30 7.43 -12.41
C THR A 311 -22.17 8.89 -12.13
N ALA A 312 -21.18 9.49 -12.76
CA ALA A 312 -20.94 10.88 -12.61
C ALA A 312 -20.59 11.54 -13.96
N ARG A 313 -20.81 12.83 -14.08
CA ARG A 313 -20.23 13.60 -15.18
C ARG A 313 -19.32 14.68 -14.63
N ILE A 314 -18.14 14.77 -15.20
CA ILE A 314 -17.23 15.88 -14.92
C ILE A 314 -17.30 16.84 -16.10
N ASP A 315 -17.41 18.12 -15.80
CA ASP A 315 -17.25 19.19 -16.80
C ASP A 315 -16.50 20.37 -16.19
N THR A 316 -15.30 20.62 -16.66
CA THR A 316 -14.41 21.63 -16.04
C THR A 316 -14.75 23.08 -16.41
N ASN A 317 -15.62 23.25 -17.39
CA ASN A 317 -16.03 24.59 -17.82
C ASN A 317 -17.25 25.10 -17.07
N GLN A 318 -17.95 24.20 -16.40
CA GLN A 318 -19.23 24.54 -15.75
C GLN A 318 -18.98 25.14 -14.39
N THR A 319 -20.04 25.66 -13.78
CA THR A 319 -19.96 26.15 -12.40
C THR A 319 -19.98 24.93 -11.43
N ASP A 320 -20.94 24.04 -11.62
CA ASP A 320 -20.94 22.77 -10.88
C ASP A 320 -20.22 21.75 -11.72
N LYS A 321 -19.00 21.43 -11.34
CA LYS A 321 -18.15 20.62 -12.20
C LYS A 321 -18.40 19.11 -12.07
N ILE A 322 -18.97 18.71 -10.94
CA ILE A 322 -19.21 17.30 -10.68
C ILE A 322 -20.69 17.04 -10.44
N GLN A 323 -21.24 16.17 -11.29
CA GLN A 323 -22.63 15.76 -11.23
C GLN A 323 -22.75 14.27 -10.98
N ILE A 324 -23.46 13.94 -9.92
CA ILE A 324 -23.81 12.54 -9.61
C ILE A 324 -25.13 12.22 -10.30
N ILE A 325 -25.08 11.26 -11.21
CA ILE A 325 -26.23 10.87 -12.05
C ILE A 325 -26.97 9.64 -11.51
N ARG A 326 -26.38 8.46 -11.64
CA ARG A 326 -26.99 7.27 -11.04
C ARG A 326 -26.44 7.05 -9.66
N HIS A 327 -27.34 7.03 -8.70
CA HIS A 327 -26.93 6.86 -7.30
C HIS A 327 -28.05 6.18 -6.55
N ALA B 3 16.11 -20.71 -14.60
CA ALA B 3 16.40 -19.57 -13.68
C ALA B 3 17.88 -19.18 -13.69
N ILE B 5 21.62 -17.17 -13.48
CA ILE B 5 22.39 -16.60 -12.36
C ILE B 5 23.57 -15.74 -12.71
N PRO B 6 23.62 -14.56 -12.07
CA PRO B 6 24.72 -13.66 -12.36
C PRO B 6 26.02 -14.23 -11.79
N ALA B 7 27.05 -14.20 -12.61
CA ALA B 7 28.37 -14.67 -12.22
C ALA B 7 28.91 -13.79 -11.09
N LYS B 8 29.77 -14.32 -10.26
CA LYS B 8 30.14 -13.60 -9.05
C LYS B 8 31.23 -12.57 -9.29
N LEU B 9 31.14 -11.49 -8.55
CA LEU B 9 32.21 -10.49 -8.53
C LEU B 9 33.57 -11.16 -8.27
N LYS B 10 34.53 -10.82 -9.12
CA LYS B 10 35.89 -11.32 -9.02
C LYS B 10 36.79 -10.12 -9.02
N GLN B 11 37.90 -10.18 -8.30
CA GLN B 11 38.72 -8.97 -8.08
C GLN B 11 38.92 -8.28 -9.44
N GLY B 12 38.75 -6.97 -9.45
CA GLY B 12 38.96 -6.17 -10.69
C GLY B 12 37.71 -5.86 -11.52
N ASP B 13 36.61 -6.52 -11.21
CA ASP B 13 35.33 -6.39 -11.96
C ASP B 13 34.68 -5.01 -11.84
N GLU B 14 34.14 -4.53 -12.96
CA GLU B 14 33.42 -3.23 -12.94
C GLU B 14 32.02 -3.33 -12.33
N ILE B 15 31.78 -2.49 -11.34
CA ILE B 15 30.45 -2.30 -10.73
C ILE B 15 29.82 -0.99 -11.21
N ARG B 16 28.56 -1.04 -11.62
CA ARG B 16 27.86 0.20 -12.01
C ARG B 16 26.89 0.67 -10.95
N ILE B 17 26.98 1.95 -10.61
CA ILE B 17 26.10 2.57 -9.64
C ILE B 17 24.97 3.31 -10.37
N ILE B 18 23.74 2.90 -10.14
CA ILE B 18 22.59 3.53 -10.78
C ILE B 18 21.66 4.08 -9.69
N ALA B 19 20.74 4.93 -10.10
CA ALA B 19 19.84 5.66 -9.19
C ALA B 19 18.41 5.60 -9.67
N PRO B 20 17.83 4.41 -9.56
CA PRO B 20 16.46 4.11 -9.95
C PRO B 20 15.37 4.70 -9.06
N SER B 21 15.68 5.09 -7.84
CA SER B 21 14.67 5.80 -7.01
C SER B 21 15.05 7.22 -6.75
N ARG B 22 15.83 7.43 -5.72
CA ARG B 22 16.25 8.79 -5.37
C ARG B 22 17.65 9.07 -5.87
N SER B 23 17.83 10.34 -6.16
CA SER B 23 19.10 10.87 -6.61
C SER B 23 20.23 10.73 -5.58
N ILE B 24 21.41 10.41 -6.08
CA ILE B 24 22.63 10.39 -5.27
C ILE B 24 22.82 11.77 -4.61
N GLY B 25 22.04 12.71 -5.11
CA GLY B 25 22.02 14.09 -4.61
C GLY B 25 21.43 14.19 -3.21
N ILE B 26 20.86 13.11 -2.70
CA ILE B 26 20.48 13.08 -1.28
C ILE B 26 21.59 12.55 -0.35
N ALA B 28 25.24 12.68 1.34
CA ALA B 28 26.35 13.54 1.61
C ALA B 28 27.44 13.19 0.57
N ASP B 29 28.03 14.20 -0.03
CA ASP B 29 29.11 13.99 -1.01
C ASP B 29 30.25 13.12 -0.45
N ASN B 30 30.71 13.43 0.75
CA ASN B 30 31.83 12.65 1.37
C ASN B 30 31.48 11.17 1.67
N GLN B 31 30.20 10.84 1.68
CA GLN B 31 29.81 9.44 1.89
C GLN B 31 29.89 8.63 0.60
N VAL B 32 29.71 9.33 -0.49
CA VAL B 32 29.92 8.77 -1.81
C VAL B 32 31.40 8.46 -1.98
N GLU B 33 32.24 9.32 -1.44
CA GLU B 33 33.68 9.11 -1.47
C GLU B 33 34.05 7.89 -0.57
N ILE B 34 33.59 7.92 0.69
CA ILE B 34 33.77 6.79 1.60
C ILE B 34 33.39 5.47 0.92
N ALA B 35 32.11 5.34 0.60
CA ALA B 35 31.57 4.17 -0.12
C ALA B 35 32.41 3.79 -1.35
N VAL B 36 32.91 4.78 -2.06
CA VAL B 36 33.72 4.49 -3.26
C VAL B 36 35.09 3.92 -2.91
N ASN B 37 35.67 4.29 -1.79
CA ASN B 37 36.94 3.66 -1.38
C ASN B 37 36.77 2.15 -1.10
N ARG B 38 35.69 1.78 -0.44
CA ARG B 38 35.48 0.38 -0.01
C ARG B 38 35.38 -0.67 -1.09
N LEU B 39 34.65 -0.39 -2.13
CA LEU B 39 34.44 -1.39 -3.16
C LEU B 39 35.72 -1.54 -3.96
N THR B 40 36.54 -0.54 -3.78
CA THR B 40 37.78 -0.35 -4.53
C THR B 40 38.87 -1.15 -3.80
N ASP B 41 38.81 -1.10 -2.49
CA ASP B 41 39.68 -1.92 -1.64
C ASP B 41 39.26 -3.39 -1.76
N GLY B 43 38.49 -4.48 -4.43
CA GLY B 43 39.13 -4.80 -5.71
C GLY B 43 38.31 -4.54 -6.96
N PHE B 44 37.31 -3.70 -6.82
CA PHE B 44 36.34 -3.44 -7.91
C PHE B 44 36.55 -2.08 -8.52
N LYS B 45 36.27 -1.95 -9.80
CA LYS B 45 36.30 -0.63 -10.41
C LYS B 45 34.89 -0.10 -10.36
N VAL B 46 34.74 1.11 -9.84
CA VAL B 46 33.39 1.74 -9.70
C VAL B 46 33.08 2.87 -10.69
N THR B 47 31.96 2.73 -11.37
CA THR B 47 31.51 3.71 -12.35
C THR B 47 30.08 4.12 -12.05
N PHE B 48 29.70 5.30 -12.48
CA PHE B 48 28.34 5.82 -12.27
C PHE B 48 27.55 6.05 -13.59
N GLY B 49 26.25 5.78 -13.53
CA GLY B 49 25.34 6.13 -14.65
C GLY B 49 25.39 7.65 -14.87
N GLU B 50 25.12 8.11 -16.08
CA GLU B 50 25.20 9.57 -16.36
C GLU B 50 24.24 10.40 -15.52
N HIS B 51 23.08 9.84 -15.25
CA HIS B 51 21.99 10.62 -14.66
C HIS B 51 21.81 10.53 -13.14
N VAL B 52 22.74 9.86 -12.44
CA VAL B 52 22.59 9.66 -10.99
C VAL B 52 22.48 10.98 -10.21
N ALA B 53 23.06 12.05 -10.75
CA ALA B 53 23.07 13.34 -10.03
C ALA B 53 21.81 14.18 -10.27
N GLU B 54 20.94 13.73 -11.14
CA GLU B 54 19.75 14.54 -11.45
C GLU B 54 18.78 14.47 -10.33
N ASP B 56 14.92 15.94 -9.20
CA ASP B 56 13.65 16.66 -9.41
C ASP B 56 13.01 17.01 -8.07
N CYS B 57 11.75 17.40 -8.11
CA CYS B 57 11.05 17.84 -6.90
C CYS B 57 10.70 16.70 -5.96
N SER B 60 13.93 12.57 -6.96
CA SER B 60 14.19 11.48 -7.90
C SER B 60 14.55 12.11 -9.25
N SER B 61 14.45 11.32 -10.30
CA SER B 61 14.68 11.88 -11.62
C SER B 61 13.70 11.33 -12.65
N SER B 62 13.83 11.80 -13.88
CA SER B 62 12.81 11.48 -14.87
C SER B 62 12.86 9.97 -15.10
N ILE B 63 11.75 9.40 -15.53
CA ILE B 63 11.69 8.00 -15.88
C ILE B 63 12.75 7.69 -16.95
N ARG B 64 12.77 8.50 -18.00
CA ARG B 64 13.63 8.30 -19.17
C ARG B 64 15.12 8.20 -18.78
N SER B 65 15.52 9.08 -17.88
CA SER B 65 16.88 9.09 -17.32
C SER B 65 17.22 7.78 -16.65
N ARG B 66 16.37 7.38 -15.73
CA ARG B 66 16.59 6.16 -14.96
C ARG B 66 16.60 4.90 -15.83
N VAL B 67 15.71 4.86 -16.80
CA VAL B 67 15.68 3.74 -17.73
C VAL B 67 16.95 3.69 -18.56
N ALA B 68 17.38 4.85 -19.07
CA ALA B 68 18.62 4.95 -19.84
C ALA B 68 19.83 4.40 -19.07
N ASP B 69 19.98 4.77 -17.80
CA ASP B 69 21.11 4.28 -16.98
C ASP B 69 21.06 2.78 -16.81
N ILE B 70 19.86 2.26 -16.62
CA ILE B 70 19.65 0.82 -16.48
C ILE B 70 20.05 0.10 -17.76
N HIS B 71 19.66 0.65 -18.88
CA HIS B 71 19.99 0.01 -20.14
C HIS B 71 21.48 0.05 -20.51
N GLU B 72 22.18 1.10 -20.15
CA GLU B 72 23.61 1.15 -20.46
C GLU B 72 24.39 0.26 -19.48
N ALA B 73 23.80 0.00 -18.34
CA ALA B 73 24.46 -0.83 -17.33
C ALA B 73 24.41 -2.30 -17.76
N PHE B 74 23.28 -2.70 -18.30
CA PHE B 74 23.14 -4.06 -18.87
C PHE B 74 23.78 -4.19 -20.23
N ASN B 75 23.61 -3.17 -21.04
CA ASN B 75 24.25 -3.17 -22.34
C ASN B 75 25.74 -3.42 -22.26
N ASP B 76 26.37 -2.95 -21.21
CA ASP B 76 27.83 -2.87 -21.18
C ASP B 76 28.43 -4.17 -20.58
N SER B 77 29.01 -4.95 -21.48
CA SER B 77 29.48 -6.31 -21.15
C SER B 77 30.56 -6.29 -20.08
N SER B 78 31.26 -5.15 -19.97
CA SER B 78 32.26 -4.98 -18.90
C SER B 78 31.67 -4.69 -17.53
N VAL B 79 30.41 -4.28 -17.48
CA VAL B 79 29.77 -4.09 -16.17
C VAL B 79 29.36 -5.45 -15.59
N LYS B 80 29.94 -5.81 -14.45
CA LYS B 80 29.68 -7.13 -13.85
C LYS B 80 28.66 -7.14 -12.72
N ALA B 81 28.43 -5.97 -12.16
CA ALA B 81 27.50 -5.81 -11.05
C ALA B 81 26.89 -4.42 -11.07
N ILE B 82 25.62 -4.37 -10.74
CA ILE B 82 24.87 -3.12 -10.66
C ILE B 82 24.33 -2.86 -9.25
N LEU B 83 24.81 -1.83 -8.59
CA LEU B 83 24.29 -1.44 -7.29
C LEU B 83 23.46 -0.17 -7.37
N THR B 84 22.27 -0.24 -6.81
CA THR B 84 21.45 0.93 -6.72
C THR B 84 22.08 1.89 -5.73
N VAL B 85 21.96 3.17 -6.01
CA VAL B 85 22.45 4.24 -5.13
C VAL B 85 21.79 4.17 -3.73
N ILE B 86 20.47 4.12 -3.73
CA ILE B 86 19.64 4.11 -2.49
C ILE B 86 18.18 3.92 -2.85
N GLY B 87 17.35 3.82 -1.82
CA GLY B 87 15.91 3.57 -2.03
C GLY B 87 15.08 4.80 -2.31
N GLY B 88 13.80 4.70 -2.07
CA GLY B 88 12.90 5.80 -2.39
C GLY B 88 11.50 5.30 -2.48
N PHE B 89 10.70 5.93 -3.31
CA PHE B 89 9.36 5.42 -3.56
C PHE B 89 8.98 4.99 -4.98
N ASN B 90 9.79 5.38 -5.95
CA ASN B 90 9.34 5.40 -7.35
C ASN B 90 9.97 4.46 -8.37
N SER B 91 10.70 3.44 -7.96
CA SER B 91 11.34 2.62 -9.00
C SER B 91 10.24 1.87 -9.76
N ASN B 92 9.05 1.78 -9.19
CA ASN B 92 7.91 1.15 -9.87
C ASN B 92 7.42 1.90 -11.13
N GLN B 93 7.74 3.17 -11.25
CA GLN B 93 7.33 3.93 -12.44
C GLN B 93 8.09 3.43 -13.66
N LEU B 94 9.22 2.78 -13.42
CA LEU B 94 10.14 2.37 -14.49
C LEU B 94 9.73 1.07 -15.19
N LEU B 95 8.90 0.27 -14.55
CA LEU B 95 8.72 -1.14 -14.94
C LEU B 95 8.24 -1.34 -16.42
N PRO B 96 7.29 -0.53 -16.88
CA PRO B 96 6.79 -0.74 -18.23
C PRO B 96 7.79 -0.38 -19.31
N TYR B 97 8.85 0.33 -18.94
CA TYR B 97 9.79 0.89 -19.94
C TYR B 97 11.08 0.10 -20.13
N LEU B 98 11.20 -1.00 -19.39
CA LEU B 98 12.43 -1.77 -19.46
C LEU B 98 12.41 -2.73 -20.63
N ASP B 99 13.57 -2.90 -21.24
CA ASP B 99 13.77 -3.87 -22.31
C ASP B 99 14.22 -5.13 -21.63
N TYR B 100 13.28 -6.02 -21.36
CA TYR B 100 13.56 -7.23 -20.58
C TYR B 100 14.39 -8.20 -21.43
N ASP B 101 14.17 -8.17 -22.74
CA ASP B 101 15.03 -8.92 -23.67
C ASP B 101 16.53 -8.61 -23.50
N LEU B 102 16.85 -7.32 -23.43
CA LEU B 102 18.24 -6.89 -23.33
C LEU B 102 18.82 -7.36 -22.02
N ILE B 103 18.00 -7.26 -21.00
CA ILE B 103 18.35 -7.77 -19.70
C ILE B 103 18.57 -9.27 -19.74
N SER B 104 17.61 -10.03 -20.23
CA SER B 104 17.72 -11.49 -20.21
C SER B 104 19.05 -11.95 -20.85
N GLU B 105 19.50 -11.17 -21.82
CA GLU B 105 20.71 -11.52 -22.60
C GLU B 105 21.99 -10.95 -21.96
N ASN B 106 21.86 -10.19 -20.88
CA ASN B 106 23.03 -9.72 -20.12
C ASN B 106 22.89 -10.02 -18.63
N PRO B 107 22.81 -11.31 -18.27
CA PRO B 107 22.68 -11.62 -16.86
C PRO B 107 23.80 -10.95 -16.07
N LYS B 108 23.41 -10.29 -15.01
CA LYS B 108 24.38 -9.76 -14.06
C LYS B 108 23.75 -9.44 -12.71
N ILE B 109 24.59 -9.01 -11.80
CA ILE B 109 24.19 -8.84 -10.42
C ILE B 109 23.47 -7.50 -10.32
N LEU B 110 22.25 -7.51 -9.81
CA LEU B 110 21.58 -6.28 -9.45
C LEU B 110 21.24 -6.40 -7.99
N CYS B 111 21.69 -5.45 -7.20
CA CYS B 111 21.52 -5.52 -5.76
C CYS B 111 21.06 -4.20 -5.16
N GLY B 112 20.03 -4.26 -4.33
CA GLY B 112 19.52 -3.09 -3.65
C GLY B 112 18.52 -3.57 -2.65
N PHE B 113 17.99 -2.69 -1.82
CA PHE B 113 16.93 -3.04 -0.89
C PHE B 113 15.92 -1.92 -0.69
N SER B 114 14.80 -2.21 -0.07
CA SER B 114 13.72 -1.25 0.15
C SER B 114 12.93 -1.04 -1.17
N ASP B 115 12.80 0.20 -1.64
CA ASP B 115 12.05 0.45 -2.90
C ASP B 115 12.62 -0.33 -4.10
N ILE B 116 13.89 -0.64 -4.07
CA ILE B 116 14.51 -1.45 -5.13
C ILE B 116 13.86 -2.83 -5.28
N THR B 117 13.11 -3.24 -4.28
CA THR B 117 12.33 -4.51 -4.38
C THR B 117 11.45 -4.57 -5.64
N ALA B 118 10.91 -3.43 -6.05
CA ALA B 118 9.97 -3.40 -7.18
C ALA B 118 10.74 -3.74 -8.46
N LEU B 119 11.93 -3.18 -8.54
CA LEU B 119 12.73 -3.31 -9.75
C LEU B 119 13.27 -4.74 -9.89
N ALA B 120 13.85 -5.20 -8.79
CA ALA B 120 14.50 -6.53 -8.73
C ALA B 120 13.47 -7.66 -8.97
N THR B 121 12.31 -7.55 -8.34
CA THR B 121 11.21 -8.50 -8.56
C THR B 121 10.70 -8.52 -10.01
N ALA B 122 10.43 -7.36 -10.57
CA ALA B 122 9.99 -7.32 -11.97
C ALA B 122 11.03 -8.00 -12.86
N ILE B 123 12.29 -7.71 -12.58
CA ILE B 123 13.37 -8.21 -13.43
C ILE B 123 13.47 -9.73 -13.34
N TYR B 124 13.16 -10.25 -12.17
CA TYR B 124 13.20 -11.70 -11.98
C TYR B 124 12.01 -12.36 -12.65
N THR B 125 10.82 -11.81 -12.45
CA THR B 125 9.60 -12.44 -12.95
C THR B 125 9.47 -12.33 -14.47
N GLN B 126 10.07 -11.29 -15.05
CA GLN B 126 10.08 -11.13 -16.53
C GLN B 126 11.18 -11.95 -17.24
N THR B 127 12.41 -11.94 -16.69
CA THR B 127 13.58 -12.61 -17.35
C THR B 127 14.07 -13.95 -16.76
N GLU B 128 13.57 -14.30 -15.59
CA GLU B 128 14.09 -15.40 -14.76
C GLU B 128 15.57 -15.18 -14.34
N LEU B 129 16.02 -13.94 -14.39
CA LEU B 129 17.34 -13.56 -13.84
C LEU B 129 17.24 -13.31 -12.32
N ILE B 130 17.98 -14.08 -11.55
CA ILE B 130 17.92 -13.97 -10.10
C ILE B 130 18.50 -12.64 -9.60
N THR B 131 17.76 -11.94 -8.76
CA THR B 131 18.25 -10.64 -8.27
C THR B 131 18.40 -10.65 -6.75
N TYR B 132 18.91 -9.58 -6.20
CA TYR B 132 19.25 -9.56 -4.76
C TYR B 132 18.65 -8.42 -3.97
N SER B 133 18.20 -8.78 -2.77
CA SER B 133 17.77 -7.81 -1.79
C SER B 133 18.93 -7.68 -0.80
N GLY B 134 19.67 -6.62 -0.91
CA GLY B 134 20.92 -6.50 -0.20
C GLY B 134 21.40 -5.06 -0.22
N ALA B 135 22.68 -4.90 0.09
CA ALA B 135 23.25 -3.58 0.31
C ALA B 135 23.11 -2.66 -0.91
N HIS B 136 22.87 -1.39 -0.61
CA HIS B 136 22.93 -0.31 -1.59
C HIS B 136 24.39 0.03 -1.80
N PHE B 137 24.68 0.85 -2.77
CA PHE B 137 25.99 1.49 -2.88
C PHE B 137 26.23 2.31 -1.60
N SER B 138 25.17 2.94 -1.13
CA SER B 138 25.26 3.91 -0.03
C SER B 138 25.56 3.19 1.27
N SER B 139 25.16 1.94 1.29
CA SER B 139 25.36 1.07 2.46
C SER B 139 26.81 1.09 2.97
N PHE B 140 27.75 1.20 2.04
CA PHE B 140 29.18 1.08 2.31
C PHE B 140 29.79 2.39 2.72
N SER B 141 28.97 3.42 2.77
CA SER B 141 29.43 4.69 3.29
C SER B 141 29.35 4.69 4.82
N GLU B 143 30.38 4.23 8.35
CA GLU B 143 31.73 4.15 8.87
C GLU B 143 31.85 2.90 9.75
N LYS B 144 30.95 2.77 10.69
CA LYS B 144 31.08 1.74 11.71
C LYS B 144 29.91 0.80 11.87
N GLY B 145 30.23 -0.46 12.07
CA GLY B 145 29.23 -1.53 12.15
C GLY B 145 29.02 -2.11 10.77
N LEU B 146 29.98 -1.86 9.90
CA LEU B 146 29.84 -2.25 8.50
C LEU B 146 30.21 -3.73 8.27
N ASP B 147 30.71 -4.37 9.30
CA ASP B 147 31.42 -5.65 9.11
C ASP B 147 30.56 -6.85 8.67
N TYR B 148 29.41 -7.00 9.28
CA TYR B 148 28.42 -8.01 8.86
C TYR B 148 27.84 -7.76 7.46
N VAL B 149 27.72 -6.47 7.13
CA VAL B 149 27.16 -6.09 5.84
C VAL B 149 28.10 -6.70 4.83
N GLU B 151 30.25 -9.19 5.15
CA GLU B 151 30.39 -10.65 5.14
C GLU B 151 29.22 -11.21 4.35
N SER B 152 28.03 -10.82 4.76
CA SER B 152 26.81 -11.29 4.12
C SER B 152 26.81 -11.05 2.60
N PHE B 153 27.07 -9.80 2.27
CA PHE B 153 27.28 -9.37 0.88
C PHE B 153 28.26 -10.36 0.21
N SER B 154 29.44 -10.47 0.81
CA SER B 154 30.51 -11.28 0.23
C SER B 154 30.06 -12.72 0.08
N ASP B 155 29.42 -13.22 1.13
CA ASP B 155 28.83 -14.56 1.14
C ASP B 155 27.92 -14.79 -0.06
N CYS B 156 27.12 -13.78 -0.37
CA CYS B 156 26.16 -13.87 -1.48
C CYS B 156 26.77 -13.57 -2.86
N LEU B 157 27.45 -12.44 -3.02
CA LEU B 157 27.89 -12.02 -4.37
C LEU B 157 29.37 -12.25 -4.76
N LEU B 158 30.19 -12.65 -3.82
CA LEU B 158 31.61 -12.92 -4.12
C LEU B 158 32.01 -14.41 -4.26
N GLN B 159 31.03 -15.30 -4.16
CA GLN B 159 31.30 -16.73 -4.05
C GLN B 159 30.12 -17.60 -4.49
N LYS B 160 30.38 -18.86 -4.78
CA LYS B 160 29.33 -19.83 -5.20
C LYS B 160 28.76 -20.78 -4.11
N GLU B 161 29.35 -20.83 -2.93
CA GLU B 161 28.93 -21.85 -1.93
C GLU B 161 27.62 -21.46 -1.21
N PRO B 162 26.89 -22.46 -0.66
CA PRO B 162 25.83 -22.06 0.26
C PRO B 162 26.37 -21.39 1.50
N PHE B 163 25.47 -20.83 2.28
CA PHE B 163 25.80 -20.23 3.56
C PHE B 163 24.55 -20.11 4.41
N ALA B 164 24.71 -19.51 5.57
CA ALA B 164 23.60 -19.39 6.49
C ALA B 164 23.55 -17.93 6.84
N LEU B 165 22.62 -17.59 7.71
CA LEU B 165 22.32 -16.19 8.00
C LEU B 165 22.47 -15.82 9.45
N LYS B 166 23.71 -15.71 9.86
CA LYS B 166 24.04 -15.45 11.26
C LYS B 166 23.21 -14.32 11.85
N GLU B 167 22.63 -14.55 12.99
CA GLU B 167 22.11 -13.43 13.73
C GLU B 167 23.32 -12.57 13.98
N SER B 168 23.18 -11.26 13.86
CA SER B 168 24.32 -10.36 14.08
C SER B 168 24.58 -10.21 15.58
N ALA B 169 25.82 -9.96 15.93
CA ALA B 169 26.14 -9.79 17.36
C ALA B 169 25.40 -8.60 17.96
N THR B 170 25.47 -7.47 17.26
CA THR B 170 24.73 -6.29 17.67
C THR B 170 24.02 -5.66 16.52
N TRP B 171 22.86 -5.12 16.81
CA TRP B 171 22.04 -4.37 15.84
C TRP B 171 21.71 -2.97 16.35
N SER B 172 21.24 -2.11 15.45
CA SER B 172 20.89 -0.69 15.75
C SER B 172 19.72 -0.16 14.89
N ASP B 173 19.11 0.93 15.32
CA ASP B 173 18.20 1.74 14.46
C ASP B 173 18.60 3.22 14.52
N ASP B 174 19.48 3.64 13.62
CA ASP B 174 20.12 4.96 13.75
C ASP B 174 20.30 5.58 12.39
N GLU B 175 20.29 6.89 12.35
CA GLU B 175 20.60 7.59 11.11
C GLU B 175 22.06 7.88 11.11
N TRP B 176 22.82 7.00 10.50
CA TRP B 176 24.27 6.96 10.67
C TRP B 176 24.89 7.81 9.60
N TYR B 177 24.07 8.19 8.62
CA TYR B 177 24.48 9.10 7.56
C TYR B 177 24.40 10.55 8.05
N LEU B 178 23.55 10.79 9.03
CA LEU B 178 23.57 12.09 9.72
C LEU B 178 24.66 12.20 10.81
N ASP B 179 24.74 11.22 11.69
CA ASP B 179 25.81 11.20 12.72
C ASP B 179 26.45 9.82 12.79
N GLN B 180 27.64 9.69 12.23
CA GLN B 180 28.25 8.38 12.05
C GLN B 180 28.82 7.84 13.37
N GLU B 181 29.31 8.77 14.17
CA GLU B 181 30.08 8.47 15.40
C GLU B 181 29.26 8.03 16.59
N ASN B 182 28.09 8.61 16.74
CA ASN B 182 27.25 8.32 17.90
C ASN B 182 26.18 7.32 17.49
N ARG B 183 26.44 6.06 17.75
CA ARG B 183 25.58 4.97 17.32
C ARG B 183 25.13 4.36 18.63
N ASN B 184 24.00 3.68 18.63
CA ASN B 184 23.63 2.91 19.78
C ASN B 184 23.47 1.46 19.32
N PHE B 185 24.46 0.63 19.66
CA PHE B 185 24.49 -0.73 19.16
C PHE B 185 23.80 -1.55 20.21
N ILE B 186 23.48 -2.77 19.87
CA ILE B 186 22.65 -3.55 20.80
C ILE B 186 22.85 -5.03 20.80
N PRO B 187 22.79 -5.63 22.00
CA PRO B 187 22.69 -7.07 22.03
C PRO B 187 21.42 -7.55 21.33
N ASN B 188 21.66 -8.41 20.36
CA ASN B 188 20.64 -9.08 19.59
C ASN B 188 20.04 -10.24 20.38
N GLU B 189 18.77 -10.16 20.71
CA GLU B 189 18.06 -11.30 21.30
C GLU B 189 17.84 -12.36 20.24
N GLY B 190 18.20 -12.01 19.01
CA GLY B 190 18.24 -12.96 17.89
C GLY B 190 16.87 -13.34 17.35
N LEU B 191 16.80 -14.47 16.68
CA LEU B 191 15.57 -14.83 16.00
C LEU B 191 14.47 -15.23 16.99
N VAL B 192 13.26 -15.35 16.49
CA VAL B 192 12.11 -15.76 17.29
C VAL B 192 11.22 -16.69 16.48
N VAL B 193 10.95 -17.86 17.04
CA VAL B 193 10.12 -18.80 16.32
C VAL B 193 8.67 -18.43 16.65
N GLN B 195 6.20 -19.71 14.56
CA GLN B 195 5.64 -21.04 14.33
C GLN B 195 6.77 -21.99 13.92
N PRO B 196 6.76 -23.21 14.46
CA PRO B 196 7.83 -24.20 14.27
C PRO B 196 7.76 -24.86 12.90
N GLY B 197 8.84 -25.49 12.47
CA GLY B 197 8.78 -26.34 11.27
C GLY B 197 10.03 -26.31 10.40
N VAL B 198 10.01 -27.09 9.33
CA VAL B 198 11.11 -27.10 8.34
C VAL B 198 10.58 -26.83 6.92
N ALA B 199 11.29 -26.01 6.16
CA ALA B 199 10.88 -25.66 4.78
C ALA B 199 11.99 -25.25 3.81
N GLU B 200 11.89 -25.67 2.57
CA GLU B 200 12.78 -25.16 1.50
C GLU B 200 11.94 -24.76 0.30
N GLY B 201 12.42 -23.79 -0.46
CA GLY B 201 11.70 -23.28 -1.65
C GLY B 201 12.29 -21.98 -2.18
N ILE B 202 11.51 -21.24 -2.96
CA ILE B 202 12.04 -20.03 -3.60
C ILE B 202 11.89 -18.79 -2.72
N ILE B 203 12.94 -18.01 -2.65
CA ILE B 203 12.94 -16.80 -1.84
C ILE B 203 12.29 -15.60 -2.52
N ILE B 204 11.33 -14.98 -1.85
CA ILE B 204 10.56 -13.89 -2.48
C ILE B 204 10.45 -12.60 -1.65
N GLY B 205 10.99 -11.56 -2.25
CA GLY B 205 10.59 -10.14 -2.10
C GLY B 205 11.10 -9.50 -0.84
N GLY B 206 11.65 -8.32 -0.92
CA GLY B 206 12.11 -7.60 0.31
C GLY B 206 11.07 -6.75 1.05
N ASN B 207 10.72 -5.62 0.47
CA ASN B 207 9.91 -4.65 1.20
C ASN B 207 8.44 -4.94 1.00
N LEU B 208 7.71 -5.08 2.09
CA LEU B 208 6.34 -5.58 1.99
C LEU B 208 5.48 -4.61 1.22
N CYS B 209 5.45 -3.35 1.65
CA CYS B 209 4.48 -2.46 1.06
C CYS B 209 4.88 -2.19 -0.38
N THR B 210 6.17 -2.34 -0.67
CA THR B 210 6.61 -2.18 -2.07
C THR B 210 6.13 -3.36 -2.92
N LEU B 211 6.28 -4.54 -2.37
CA LEU B 211 5.87 -5.72 -3.12
C LEU B 211 4.37 -5.65 -3.48
N ASN B 212 3.58 -5.11 -2.56
CA ASN B 212 2.15 -4.86 -2.80
C ASN B 212 1.87 -4.14 -4.13
N LEU B 213 2.71 -3.17 -4.51
CA LEU B 213 2.49 -2.39 -5.74
C LEU B 213 2.57 -3.23 -7.02
N LEU B 214 3.20 -4.40 -6.95
CA LEU B 214 3.29 -5.27 -8.13
C LEU B 214 1.98 -6.04 -8.37
N GLN B 215 1.12 -6.06 -7.36
CA GLN B 215 -0.07 -6.88 -7.36
C GLN B 215 -1.02 -6.42 -8.47
N GLY B 216 -1.58 -7.37 -9.19
CA GLY B 216 -2.49 -7.09 -10.30
C GLY B 216 -1.77 -6.82 -11.63
N THR B 217 -0.45 -6.84 -11.62
CA THR B 217 0.35 -6.58 -12.84
C THR B 217 1.22 -7.77 -13.25
N GLU B 218 1.68 -7.75 -14.48
CA GLU B 218 2.39 -8.92 -15.04
C GLU B 218 3.74 -9.11 -14.39
N TYR B 219 4.08 -8.21 -13.48
CA TYR B 219 5.32 -8.32 -12.69
C TYR B 219 5.22 -9.11 -11.37
N PRO B 221 5.22 -11.91 -8.99
CA PRO B 221 5.67 -13.30 -9.05
C PRO B 221 4.63 -14.24 -8.45
N ASN B 222 4.42 -15.39 -9.05
CA ASN B 222 3.59 -16.42 -8.37
C ASN B 222 4.20 -16.84 -7.00
N LEU B 223 3.35 -17.08 -6.02
CA LEU B 223 3.85 -17.39 -4.66
C LEU B 223 3.90 -18.87 -4.29
N ALA B 224 3.47 -19.73 -5.20
CA ALA B 224 3.51 -21.18 -4.93
C ALA B 224 4.97 -21.68 -4.65
N GLY B 225 5.12 -22.37 -3.53
CA GLY B 225 6.40 -23.02 -3.19
C GLY B 225 7.51 -22.04 -2.86
N THR B 226 7.18 -21.09 -2.01
CA THR B 226 8.00 -19.91 -1.80
C THR B 226 8.31 -19.66 -0.34
N ILE B 227 9.49 -19.14 -0.07
CA ILE B 227 9.82 -18.67 1.28
C ILE B 227 9.81 -17.16 1.24
N LEU B 228 8.88 -16.57 1.95
CA LEU B 228 8.74 -15.13 1.96
C LEU B 228 9.68 -14.52 3.00
N PHE B 229 10.59 -13.68 2.55
CA PHE B 229 11.38 -12.85 3.45
C PHE B 229 10.83 -11.44 3.43
N ILE B 230 10.04 -11.04 4.42
CA ILE B 230 9.41 -9.73 4.33
C ILE B 230 9.89 -8.79 5.42
N GLU B 231 9.44 -7.55 5.31
CA GLU B 231 10.13 -6.45 5.95
C GLU B 231 9.34 -5.19 5.64
N ASP B 232 9.40 -4.19 6.52
CA ASP B 232 8.89 -2.86 6.18
C ASP B 232 9.47 -1.82 7.13
N ASP B 233 9.46 -0.55 6.71
CA ASP B 233 10.13 0.50 7.48
C ASP B 233 9.21 1.12 8.51
N PHE B 234 9.73 2.17 9.12
CA PHE B 234 9.09 2.80 10.26
C PHE B 234 7.71 3.40 9.92
N THR B 236 5.40 2.09 8.54
CA THR B 236 4.42 1.05 8.79
C THR B 236 4.10 0.87 10.30
N ILE B 237 2.82 0.73 10.61
CA ILE B 237 2.34 0.32 11.98
C ILE B 237 1.74 -1.09 11.91
N PRO B 238 1.61 -1.78 13.06
CA PRO B 238 1.16 -3.17 12.99
C PRO B 238 -0.13 -3.41 12.14
N GLU B 239 -1.04 -2.46 12.11
CA GLU B 239 -2.30 -2.64 11.42
C GLU B 239 -2.13 -2.53 9.90
N THR B 240 -1.19 -1.70 9.48
CA THR B 240 -0.94 -1.53 8.04
C THR B 240 -0.12 -2.71 7.54
N PHE B 241 0.83 -3.14 8.35
CA PHE B 241 1.63 -4.29 8.03
C PHE B 241 0.72 -5.50 7.94
N ASP B 242 -0.23 -5.57 8.84
CA ASP B 242 -1.19 -6.65 8.84
C ASP B 242 -2.08 -6.62 7.60
N ARG B 243 -2.56 -5.45 7.22
CA ARG B 243 -3.34 -5.31 6.01
C ARG B 243 -2.53 -5.58 4.75
N ASP B 244 -1.29 -5.12 4.71
CA ASP B 244 -0.44 -5.38 3.57
C ASP B 244 -0.20 -6.89 3.42
N LEU B 245 0.06 -7.55 4.54
CA LEU B 245 0.26 -9.00 4.59
C LEU B 245 -0.97 -9.73 4.08
N GLU B 246 -2.11 -9.36 4.65
CA GLU B 246 -3.40 -9.89 4.24
C GLU B 246 -3.60 -9.81 2.70
N SER B 247 -3.31 -8.64 2.12
CA SER B 247 -3.40 -8.44 0.67
C SER B 247 -2.41 -9.31 -0.17
N LEU B 248 -1.19 -9.44 0.30
CA LEU B 248 -0.17 -10.28 -0.37
C LEU B 248 -0.62 -11.74 -0.36
N LEU B 249 -1.03 -12.20 0.82
CA LEU B 249 -1.49 -13.60 1.00
C LEU B 249 -2.79 -13.94 0.24
N SER B 250 -3.36 -12.98 -0.43
CA SER B 250 -4.51 -13.19 -1.34
C SER B 250 -4.09 -13.24 -2.82
N GLN B 251 -2.80 -13.14 -3.08
CA GLN B 251 -2.27 -13.20 -4.45
C GLN B 251 -2.16 -14.66 -4.96
N PRO B 252 -2.15 -14.82 -6.28
CA PRO B 252 -2.10 -16.16 -6.84
C PRO B 252 -0.95 -17.02 -6.34
N GLY B 253 -1.31 -18.22 -5.88
CA GLY B 253 -0.34 -19.19 -5.36
C GLY B 253 -0.02 -19.07 -3.88
N ALA B 254 -0.66 -18.14 -3.21
CA ALA B 254 -0.38 -17.97 -1.76
C ALA B 254 -0.82 -19.18 -0.93
N ASP B 255 -1.73 -19.98 -1.46
CA ASP B 255 -2.17 -21.19 -0.74
C ASP B 255 -1.00 -22.17 -0.56
N GLU B 256 -0.01 -22.02 -1.41
CA GLU B 256 1.16 -22.89 -1.38
C GLU B 256 2.44 -22.32 -0.78
N ILE B 257 2.38 -21.24 -0.05
CA ILE B 257 3.60 -20.71 0.62
C ILE B 257 4.19 -21.77 1.58
N GLU B 258 5.49 -21.99 1.45
CA GLU B 258 6.24 -22.97 2.28
C GLU B 258 6.70 -22.41 3.65
N GLY B 259 7.05 -21.12 3.67
CA GLY B 259 7.55 -20.49 4.90
C GLY B 259 7.76 -18.98 4.84
N VAL B 261 10.06 -15.55 6.63
CA VAL B 261 11.04 -14.92 7.53
C VAL B 261 10.76 -13.41 7.59
N ILE B 262 10.69 -12.86 8.79
CA ILE B 262 10.35 -11.44 8.95
C ILE B 262 11.50 -10.64 9.52
N GLY B 263 11.85 -9.55 8.86
CA GLY B 263 12.93 -8.66 9.29
C GLY B 263 12.63 -7.93 10.59
N ARG B 264 13.70 -7.62 11.32
CA ARG B 264 13.60 -6.73 12.47
C ARG B 264 12.88 -5.47 12.02
N PHE B 265 11.88 -5.08 12.80
CA PHE B 265 11.18 -3.82 12.63
C PHE B 265 11.93 -2.60 13.18
N GLN B 266 11.67 -1.42 12.63
CA GLN B 266 12.23 -0.23 13.25
C GLN B 266 11.45 0.00 14.53
N GLN B 267 12.02 0.76 15.44
CA GLN B 267 11.41 0.91 16.77
C GLN B 267 10.13 1.71 16.71
N LYS B 268 10.11 2.72 15.84
CA LYS B 268 8.95 3.62 15.76
C LYS B 268 7.70 2.90 15.25
N THR B 269 7.90 1.79 14.55
CA THR B 269 6.77 0.94 14.16
C THR B 269 6.00 0.53 15.40
N ALA B 270 6.75 0.14 16.42
CA ALA B 270 6.20 -0.31 17.72
C ALA B 270 5.52 -1.65 17.61
N THR B 272 5.00 -5.52 18.60
CA THR B 272 5.08 -6.23 19.87
C THR B 272 4.91 -7.71 19.60
N ALA B 273 5.41 -8.53 20.52
CA ALA B 273 5.27 -9.97 20.41
C ALA B 273 3.79 -10.34 20.19
N GLU B 274 2.92 -9.71 20.98
CA GLU B 274 1.49 -10.08 21.04
C GLU B 274 0.72 -9.75 19.76
N LYS B 275 0.88 -8.53 19.29
CA LYS B 275 0.29 -8.07 18.03
C LYS B 275 0.91 -8.83 16.87
N LEU B 276 2.22 -9.05 16.93
CA LEU B 276 2.87 -9.80 15.86
C LEU B 276 2.20 -11.19 15.74
N ALA B 277 2.04 -11.84 16.88
CA ALA B 277 1.34 -13.14 16.98
C ALA B 277 -0.13 -13.07 16.55
N TYR B 278 -0.85 -12.07 17.04
CA TYR B 278 -2.25 -11.95 16.64
C TYR B 278 -2.30 -11.83 15.11
N ILE B 279 -1.30 -11.17 14.55
CA ILE B 279 -1.23 -10.97 13.12
C ILE B 279 -1.03 -12.31 12.38
N ILE B 280 -0.11 -13.12 12.87
CA ILE B 280 0.13 -14.41 12.18
C ILE B 280 -1.08 -15.34 12.26
N GLU B 281 -1.54 -15.58 13.48
CA GLU B 281 -2.65 -16.52 13.71
C GLU B 281 -3.81 -16.28 12.75
N THR B 282 -4.12 -15.01 12.52
CA THR B 282 -5.33 -14.65 11.74
C THR B 282 -5.12 -14.74 10.24
N LYS B 283 -3.88 -15.00 9.83
CA LYS B 283 -3.58 -15.22 8.40
C LYS B 283 -3.75 -16.72 8.06
N THR B 284 -4.75 -17.00 7.24
CA THR B 284 -5.05 -18.37 6.84
C THR B 284 -3.89 -19.07 6.14
N ALA B 285 -3.33 -18.38 5.17
CA ALA B 285 -2.30 -18.97 4.30
C ALA B 285 -1.05 -19.41 5.06
N LEU B 286 -0.95 -18.96 6.29
CA LEU B 286 0.23 -19.20 7.10
C LEU B 286 0.13 -20.41 8.03
N GLN B 287 -1.02 -21.06 8.03
CA GLN B 287 -1.31 -22.11 9.02
C GLN B 287 -0.42 -23.38 8.85
N LYS B 288 0.17 -23.81 9.96
CA LYS B 288 0.99 -25.06 9.97
C LYS B 288 2.14 -25.00 8.93
N ILE B 289 2.70 -23.82 8.73
CA ILE B 289 4.04 -23.66 8.12
C ILE B 289 4.93 -22.87 9.09
N PRO B 290 6.26 -22.99 8.96
CA PRO B 290 7.21 -22.24 9.77
C PRO B 290 7.17 -20.73 9.54
N VAL B 291 7.34 -19.97 10.61
CA VAL B 291 7.46 -18.51 10.52
C VAL B 291 8.48 -18.00 11.56
N ILE B 292 9.37 -17.11 11.16
CA ILE B 292 10.39 -16.55 12.08
C ILE B 292 10.43 -15.02 12.07
N SER B 293 10.49 -14.41 13.26
CA SER B 293 10.73 -12.95 13.40
C SER B 293 12.20 -12.63 13.56
N GLY B 294 12.52 -11.36 13.51
CA GLY B 294 13.81 -10.82 13.97
C GLY B 294 15.03 -11.07 13.10
N ALA B 295 14.80 -11.48 11.87
CA ALA B 295 15.89 -11.70 10.91
C ALA B 295 16.64 -10.37 10.68
N ASP B 296 17.88 -10.38 10.19
CA ASP B 296 18.55 -9.10 9.95
C ASP B 296 18.47 -8.69 8.49
N PHE B 297 17.47 -7.88 8.23
CA PHE B 297 17.29 -7.14 6.98
C PHE B 297 16.12 -6.15 7.19
N GLY B 298 15.84 -5.38 6.18
CA GLY B 298 14.91 -4.27 6.32
C GLY B 298 15.64 -3.02 6.73
N HIS B 299 14.97 -2.18 7.49
CA HIS B 299 15.48 -0.81 7.69
C HIS B 299 16.33 -0.65 8.96
N THR B 300 16.61 -1.77 9.60
CA THR B 300 17.61 -1.83 10.67
C THR B 300 19.02 -1.99 10.08
N GLN B 301 19.99 -2.03 10.95
CA GLN B 301 21.38 -2.32 10.56
C GLN B 301 21.89 -3.33 11.58
N PRO B 302 22.71 -4.30 11.14
CA PRO B 302 23.17 -4.45 9.76
C PRO B 302 22.12 -5.21 8.91
N ILE B 303 22.34 -5.32 7.61
CA ILE B 303 21.43 -6.09 6.75
C ILE B 303 22.20 -7.11 5.89
N ALA B 304 21.59 -8.27 5.74
CA ALA B 304 22.16 -9.34 4.93
C ALA B 304 21.94 -9.00 3.46
N THR B 305 22.42 -9.86 2.58
CA THR B 305 21.98 -9.81 1.18
C THR B 305 21.61 -11.24 0.75
N PHE B 306 20.36 -11.38 0.34
CA PHE B 306 19.83 -12.67 -0.07
C PHE B 306 19.35 -12.56 -1.49
N PRO B 307 19.18 -13.70 -2.18
CA PRO B 307 18.67 -13.70 -3.54
C PRO B 307 17.16 -13.61 -3.60
N ILE B 308 16.66 -12.86 -4.58
CA ILE B 308 15.24 -12.95 -4.96
C ILE B 308 15.17 -13.99 -6.05
N GLY B 309 14.55 -15.10 -5.77
CA GLY B 309 14.46 -16.16 -6.79
C GLY B 309 15.46 -17.27 -6.56
N GLY B 310 16.46 -16.98 -5.74
CA GLY B 310 17.36 -18.02 -5.23
C GLY B 310 16.58 -18.82 -4.20
N THR B 311 17.27 -19.53 -3.33
CA THR B 311 16.56 -20.47 -2.47
C THR B 311 17.07 -20.64 -1.03
N ALA B 312 16.17 -21.04 -0.18
CA ALA B 312 16.41 -21.07 1.26
C ALA B 312 15.82 -22.31 1.89
N ARG B 313 16.49 -22.78 2.92
CA ARG B 313 15.91 -23.83 3.78
C ARG B 313 15.72 -23.23 5.17
N ILE B 314 14.57 -23.48 5.76
CA ILE B 314 14.30 -23.04 7.12
C ILE B 314 14.11 -24.24 8.03
N ASP B 315 15.04 -24.44 8.94
CA ASP B 315 14.88 -25.48 9.95
C ASP B 315 14.75 -24.79 11.33
N THR B 316 13.55 -24.78 11.89
CA THR B 316 13.32 -24.21 13.22
C THR B 316 13.94 -25.09 14.31
N ASN B 317 14.29 -26.31 13.92
CA ASN B 317 14.83 -27.26 14.87
C ASN B 317 16.34 -27.09 15.08
N GLN B 318 16.95 -26.18 14.33
CA GLN B 318 18.42 -26.07 14.31
C GLN B 318 18.96 -24.80 14.95
N THR B 319 20.28 -24.75 14.99
CA THR B 319 21.03 -23.61 15.50
C THR B 319 20.98 -22.48 14.45
N ASP B 320 21.49 -22.77 13.26
CA ASP B 320 21.33 -21.87 12.10
C ASP B 320 20.05 -22.30 11.41
N LYS B 321 19.03 -21.48 11.56
CA LYS B 321 17.69 -21.86 11.13
C LYS B 321 17.43 -21.45 9.69
N ILE B 322 18.25 -20.53 9.21
CA ILE B 322 18.06 -19.96 7.87
C ILE B 322 19.29 -20.19 7.02
N GLN B 323 19.15 -21.03 6.01
CA GLN B 323 20.25 -21.39 5.12
C GLN B 323 19.90 -21.01 3.68
N ILE B 324 20.79 -20.28 3.07
CA ILE B 324 20.63 -19.84 1.67
C ILE B 324 21.37 -20.87 0.81
N ILE B 325 20.70 -21.51 -0.13
CA ILE B 325 21.38 -22.53 -0.94
C ILE B 325 21.82 -22.00 -2.31
N ARG B 326 20.88 -21.90 -3.22
CA ARG B 326 21.18 -21.35 -4.56
C ARG B 326 21.21 -19.82 -4.44
N HIS B 327 22.10 -19.19 -5.18
CA HIS B 327 22.25 -17.73 -5.12
C HIS B 327 23.37 -17.24 -6.02
#